data_3QLR
#
_entry.id   3QLR
#
_cell.length_a   37.990
_cell.length_b   66.266
_cell.length_c   75.888
_cell.angle_alpha   90.000
_cell.angle_beta   92.930
_cell.angle_gamma   90.000
#
_symmetry.space_group_name_H-M   'P 1 21 1'
#
loop_
_entity.id
_entity.type
_entity.pdbx_description
1 polymer 'Putative uncharacterized protein CaJ7.0360'
2 non-polymer 'NADPH DIHYDRO-NICOTINAMIDE-ADENINE-DINUCLEOTIDE PHOSPHATE'
3 non-polymer 6-methyl-5-[(3R)-3-(3,4,5-trimethoxyphenyl)pent-1-yn-1-yl]pyrimidine-2,4-diamine
4 non-polymer GLYCEROL
5 non-polymer GLYCINE
6 water water
#
_entity_poly.entity_id   1
_entity_poly.type   'polypeptide(L)'
_entity_poly.pdbx_seq_one_letter_code
;MLKPNVAIIVAALKPALGIGYKGKMPWRLRKEIRYFKDVTTRTTKPNTRNAVIMGRKTWESIPQKFRPLPDRLNIILSRS
YENEIIDDNIIHASSIESSLNLVSDVERVFIIGGAEIYNELINNSLVSHLLITEIEHPSPESIEMDTFLKFPLESWTKQP
KSELQKFVGDTVLEDDIKEGDFTYNYTLWTRK
;
_entity_poly.pdbx_strand_id   A,B
#
# COMPACT_ATOMS: atom_id res chain seq x y z
N MET A 1 9.77 8.52 -11.71
CA MET A 1 8.81 7.54 -11.12
C MET A 1 8.61 7.85 -9.64
N LEU A 2 7.40 8.24 -9.28
CA LEU A 2 7.10 8.65 -7.91
C LEU A 2 6.40 7.53 -7.13
N LYS A 3 6.87 7.32 -5.89
CA LYS A 3 6.36 6.30 -4.97
C LYS A 3 5.97 4.97 -5.61
N PRO A 4 6.92 4.30 -6.30
CA PRO A 4 6.54 3.04 -6.97
C PRO A 4 6.26 1.95 -5.93
N ASN A 5 5.36 1.02 -6.24
CA ASN A 5 5.26 -0.21 -5.45
C ASN A 5 6.38 -1.18 -5.84
N VAL A 6 7.05 -1.72 -4.83
CA VAL A 6 8.28 -2.52 -5.01
C VAL A 6 8.11 -3.93 -4.45
N ALA A 7 8.69 -4.91 -5.15
CA ALA A 7 8.69 -6.31 -4.71
C ALA A 7 10.10 -6.81 -4.35
N ILE A 8 10.20 -7.45 -3.19
CA ILE A 8 11.39 -8.24 -2.88
C ILE A 8 11.22 -9.60 -3.56
N ILE A 9 12.27 -10.08 -4.21
CA ILE A 9 12.29 -11.45 -4.76
C ILE A 9 13.59 -12.09 -4.31
N VAL A 10 13.45 -13.28 -3.73
CA VAL A 10 14.52 -13.96 -3.01
C VAL A 10 14.20 -15.45 -2.90
N ALA A 11 15.25 -16.29 -2.82
CA ALA A 11 15.11 -17.72 -2.56
C ALA A 11 15.81 -18.04 -1.23
N ALA A 12 15.10 -18.70 -0.32
CA ALA A 12 15.59 -18.86 1.04
C ALA A 12 15.33 -20.26 1.60
N LEU A 13 16.30 -20.76 2.37
CA LEU A 13 16.16 -22.10 2.97
C LEU A 13 15.46 -22.02 4.32
N LYS A 14 14.35 -22.75 4.46
CA LYS A 14 13.59 -22.78 5.72
C LYS A 14 14.28 -23.66 6.78
N PRO A 15 13.97 -23.45 8.08
CA PRO A 15 13.12 -22.39 8.64
C PRO A 15 13.86 -21.07 8.94
N ALA A 16 15.19 -21.08 8.85
CA ALA A 16 16.03 -19.95 9.28
C ALA A 16 16.20 -18.86 8.22
N LEU A 17 15.75 -19.17 7.00
CA LEU A 17 15.80 -18.25 5.84
C LEU A 17 17.22 -17.88 5.44
N GLY A 18 18.07 -18.90 5.38
CA GLY A 18 19.43 -18.73 4.88
C GLY A 18 19.39 -18.40 3.41
N ILE A 19 20.27 -17.51 2.97
CA ILE A 19 20.25 -17.07 1.59
C ILE A 19 21.64 -17.06 0.93
N GLY A 20 22.69 -17.22 1.73
CA GLY A 20 24.05 -17.28 1.23
C GLY A 20 25.12 -17.76 2.19
N TYR A 21 26.31 -18.01 1.63
CA TYR A 21 27.48 -18.43 2.41
C TYR A 21 28.75 -17.87 1.78
N LYS A 22 29.45 -17.04 2.55
CA LYS A 22 30.70 -16.40 2.12
C LYS A 22 30.58 -15.64 0.78
N GLY A 23 29.45 -14.98 0.57
CA GLY A 23 29.25 -14.17 -0.63
C GLY A 23 28.66 -14.90 -1.83
N LYS A 24 28.37 -16.18 -1.68
CA LYS A 24 27.76 -16.93 -2.79
C LYS A 24 26.54 -17.73 -2.36
N MET A 25 25.74 -18.14 -3.34
CA MET A 25 24.55 -18.93 -3.08
CA MET A 25 24.55 -18.93 -3.09
C MET A 25 24.92 -20.38 -2.79
N PRO A 26 24.22 -21.01 -1.82
CA PRO A 26 24.51 -22.37 -1.36
C PRO A 26 23.76 -23.48 -2.12
N TRP A 27 23.29 -23.15 -3.32
CA TRP A 27 22.56 -24.06 -4.18
C TRP A 27 22.59 -23.49 -5.59
N ARG A 28 22.42 -24.36 -6.57
CA ARG A 28 22.14 -23.94 -7.94
C ARG A 28 20.84 -24.63 -8.34
N LEU A 29 19.76 -23.85 -8.37
CA LEU A 29 18.46 -24.39 -8.70
C LEU A 29 18.05 -23.83 -10.04
N ARG A 30 18.19 -24.66 -11.08
CA ARG A 30 18.07 -24.23 -12.48
C ARG A 30 16.70 -23.69 -12.83
N LYS A 31 15.66 -24.32 -12.28
CA LYS A 31 14.29 -23.91 -12.55
C LYS A 31 13.96 -22.62 -11.79
N GLU A 32 14.50 -22.51 -10.59
CA GLU A 32 14.36 -21.32 -9.76
C GLU A 32 15.00 -20.13 -10.47
N ILE A 33 16.19 -20.35 -11.03
CA ILE A 33 16.92 -19.31 -11.76
C ILE A 33 16.09 -18.83 -12.97
N ARG A 34 15.49 -19.77 -13.69
CA ARG A 34 14.64 -19.45 -14.83
C ARG A 34 13.40 -18.68 -14.40
N TYR A 35 12.80 -19.10 -13.27
CA TYR A 35 11.68 -18.39 -12.66
C TYR A 35 12.07 -16.95 -12.32
N PHE A 36 13.21 -16.78 -11.65
CA PHE A 36 13.73 -15.45 -11.36
C PHE A 36 13.81 -14.59 -12.63
N LYS A 37 14.36 -15.15 -13.70
CA LYS A 37 14.46 -14.44 -14.98
C LYS A 37 13.09 -14.03 -15.52
N ASP A 38 12.17 -14.99 -15.59
CA ASP A 38 10.86 -14.78 -16.20
C ASP A 38 10.03 -13.72 -15.48
N VAL A 39 10.02 -13.77 -14.16
CA VAL A 39 9.19 -12.89 -13.34
C VAL A 39 9.74 -11.46 -13.31
N THR A 40 11.06 -11.33 -13.23
CA THR A 40 11.68 -10.00 -13.24
C THR A 40 11.65 -9.35 -14.61
N THR A 41 11.63 -10.16 -15.68
CA THR A 41 11.63 -9.65 -17.06
C THR A 41 10.22 -9.36 -17.59
N ARG A 42 9.24 -10.18 -17.25
CA ARG A 42 7.90 -10.08 -17.86
C ARG A 42 7.14 -8.83 -17.44
N THR A 43 6.53 -8.18 -18.42
CA THR A 43 5.64 -7.04 -18.19
C THR A 43 4.24 -7.35 -18.70
N THR A 44 3.25 -6.63 -18.19
CA THR A 44 1.85 -6.89 -18.53
C THR A 44 1.35 -6.03 -19.69
N LYS A 45 2.09 -4.96 -19.99
CA LYS A 45 1.71 -4.01 -21.05
C LYS A 45 2.86 -3.82 -22.06
N PRO A 46 2.53 -3.42 -23.31
CA PRO A 46 3.60 -3.13 -24.29
C PRO A 46 4.38 -1.85 -23.99
N ASN A 47 5.58 -1.75 -24.55
CA ASN A 47 6.41 -0.54 -24.48
C ASN A 47 6.95 -0.20 -23.09
N THR A 48 7.08 -1.19 -22.22
CA THR A 48 7.68 -0.97 -20.90
C THR A 48 8.67 -2.08 -20.55
N ARG A 49 9.36 -1.90 -19.43
CA ARG A 49 10.26 -2.90 -18.89
C ARG A 49 10.25 -2.80 -17.37
N ASN A 50 10.83 -3.80 -16.71
CA ASN A 50 10.97 -3.73 -15.27
C ASN A 50 12.34 -3.21 -14.83
N ALA A 51 12.42 -2.77 -13.59
CA ALA A 51 13.69 -2.41 -12.98
C ALA A 51 14.07 -3.46 -11.93
N VAL A 52 15.34 -3.84 -11.94
CA VAL A 52 15.91 -4.66 -10.88
C VAL A 52 16.90 -3.81 -10.11
N ILE A 53 16.79 -3.88 -8.79
CA ILE A 53 17.62 -3.09 -7.88
C ILE A 53 18.43 -4.00 -6.96
N MET A 54 19.74 -3.71 -6.86
CA MET A 54 20.66 -4.55 -6.07
C MET A 54 21.78 -3.75 -5.42
N GLY A 55 22.36 -4.30 -4.36
CA GLY A 55 23.50 -3.70 -3.69
C GLY A 55 24.73 -3.91 -4.55
N ARG A 56 25.76 -3.11 -4.31
CA ARG A 56 26.98 -3.17 -5.12
C ARG A 56 27.63 -4.55 -5.11
N LYS A 57 27.62 -5.22 -3.96
CA LYS A 57 28.29 -6.53 -3.89
C LYS A 57 27.57 -7.59 -4.72
N THR A 58 26.25 -7.56 -4.73
CA THR A 58 25.45 -8.48 -5.58
C THR A 58 25.72 -8.23 -7.08
N TRP A 59 25.80 -6.95 -7.46
CA TRP A 59 26.21 -6.59 -8.83
C TRP A 59 27.55 -7.21 -9.22
N GLU A 60 28.55 -6.99 -8.37
CA GLU A 60 29.91 -7.51 -8.59
C GLU A 60 29.98 -9.04 -8.59
N SER A 61 29.01 -9.70 -7.94
CA SER A 61 28.92 -11.17 -7.95
C SER A 61 28.57 -11.73 -9.32
N ILE A 62 27.92 -10.93 -10.17
CA ILE A 62 27.60 -11.34 -11.54
C ILE A 62 28.87 -11.26 -12.43
N PRO A 63 29.20 -12.35 -13.16
CA PRO A 63 30.36 -12.27 -14.01
C PRO A 63 30.18 -11.07 -14.95
N GLN A 64 31.24 -10.27 -15.08
CA GLN A 64 31.14 -8.97 -15.77
C GLN A 64 30.52 -9.04 -17.17
N LYS A 65 30.64 -10.18 -17.85
CA LYS A 65 30.05 -10.38 -19.18
C LYS A 65 28.54 -10.60 -19.16
N PHE A 66 28.02 -10.98 -18.01
CA PHE A 66 26.62 -11.38 -17.90
C PHE A 66 25.76 -10.29 -17.23
N ARG A 67 26.39 -9.15 -16.97
CA ARG A 67 25.72 -7.96 -16.46
C ARG A 67 25.90 -6.82 -17.49
N PRO A 68 24.88 -5.95 -17.63
CA PRO A 68 23.62 -5.93 -16.85
C PRO A 68 22.71 -7.10 -17.21
N LEU A 69 21.87 -7.53 -16.25
CA LEU A 69 20.82 -8.53 -16.54
C LEU A 69 19.98 -8.05 -17.75
N PRO A 70 19.91 -8.86 -18.81
CA PRO A 70 19.26 -8.34 -20.03
C PRO A 70 17.75 -8.06 -19.88
N ASP A 71 17.27 -7.12 -20.67
CA ASP A 71 15.82 -6.80 -20.83
C ASP A 71 15.22 -6.12 -19.61
N ARG A 72 16.05 -5.69 -18.66
CA ARG A 72 15.60 -5.00 -17.44
C ARG A 72 16.50 -3.80 -17.15
N LEU A 73 15.93 -2.72 -16.63
CA LEU A 73 16.75 -1.64 -16.10
C LEU A 73 17.47 -2.08 -14.80
N ASN A 74 18.80 -2.07 -14.82
CA ASN A 74 19.59 -2.43 -13.65
C ASN A 74 19.99 -1.21 -12.84
N ILE A 75 19.69 -1.27 -11.56
CA ILE A 75 20.00 -0.22 -10.63
C ILE A 75 20.90 -0.78 -9.54
N ILE A 76 22.04 -0.12 -9.31
CA ILE A 76 23.04 -0.55 -8.32
C ILE A 76 23.21 0.51 -7.22
N LEU A 77 23.03 0.08 -5.96
CA LEU A 77 23.18 0.94 -4.80
C LEU A 77 24.52 0.75 -4.11
N SER A 78 25.15 1.89 -3.83
CA SER A 78 26.37 1.98 -3.05
C SER A 78 26.31 3.27 -2.25
N ARG A 79 26.91 3.25 -1.08
CA ARG A 79 26.99 4.46 -0.28
C ARG A 79 27.98 5.48 -0.85
N SER A 80 28.83 5.03 -1.77
CA SER A 80 29.77 5.91 -2.48
C SER A 80 29.26 6.41 -3.82
N TYR A 81 28.09 5.95 -4.27
CA TYR A 81 27.59 6.39 -5.57
C TYR A 81 26.79 7.68 -5.46
N GLU A 82 27.17 8.68 -6.24
CA GLU A 82 26.30 9.82 -6.48
C GLU A 82 25.36 9.32 -7.57
N ASN A 83 24.21 9.97 -7.74
CA ASN A 83 23.30 9.62 -8.81
C ASN A 83 23.99 9.77 -10.16
N GLU A 84 24.01 8.68 -10.92
CA GLU A 84 24.54 8.70 -12.27
C GLU A 84 23.83 7.69 -13.14
N ILE A 85 23.36 8.15 -14.29
CA ILE A 85 22.86 7.27 -15.33
C ILE A 85 24.06 6.84 -16.19
N ILE A 86 24.45 5.57 -16.07
CA ILE A 86 25.60 5.06 -16.83
C ILE A 86 25.24 4.91 -18.29
N ASP A 87 24.23 4.09 -18.56
CA ASP A 87 23.64 3.99 -19.89
C ASP A 87 22.15 3.68 -19.72
N ASP A 88 21.48 3.25 -20.78
CA ASP A 88 20.03 3.06 -20.73
C ASP A 88 19.62 1.90 -19.81
N ASN A 89 20.57 0.99 -19.54
CA ASN A 89 20.34 -0.22 -18.78
C ASN A 89 20.98 -0.24 -17.38
N ILE A 90 21.73 0.80 -17.03
CA ILE A 90 22.48 0.86 -15.76
C ILE A 90 22.37 2.22 -15.08
N ILE A 91 21.87 2.20 -13.84
CA ILE A 91 21.84 3.39 -12.98
C ILE A 91 22.62 3.16 -11.67
N HIS A 92 23.41 4.17 -11.28
CA HIS A 92 24.07 4.24 -9.98
C HIS A 92 23.35 5.23 -9.07
N ALA A 93 23.15 4.85 -7.81
CA ALA A 93 22.47 5.72 -6.84
C ALA A 93 22.76 5.25 -5.43
N SER A 94 22.26 5.99 -4.43
CA SER A 94 22.49 5.62 -3.03
C SER A 94 21.22 5.33 -2.23
N SER A 95 20.06 5.49 -2.87
CA SER A 95 18.79 5.00 -2.33
C SER A 95 17.88 4.56 -3.47
N ILE A 96 16.99 3.62 -3.17
CA ILE A 96 16.07 3.11 -4.19
C ILE A 96 15.12 4.19 -4.68
N GLU A 97 14.58 4.96 -3.73
CA GLU A 97 13.57 5.95 -4.02
C GLU A 97 14.10 7.03 -4.93
N SER A 98 15.31 7.50 -4.65
CA SER A 98 15.96 8.50 -5.47
C SER A 98 16.42 7.98 -6.83
N SER A 99 16.87 6.72 -6.87
CA SER A 99 17.23 6.08 -8.15
C SER A 99 16.03 5.98 -9.10
N LEU A 100 14.87 5.69 -8.53
CA LEU A 100 13.64 5.54 -9.31
C LEU A 100 13.02 6.87 -9.77
N ASN A 101 13.42 7.98 -9.13
CA ASN A 101 13.03 9.33 -9.53
C ASN A 101 13.58 9.67 -10.92
N LEU A 102 14.66 8.96 -11.27
CA LEU A 102 15.37 9.15 -12.55
C LEU A 102 14.69 8.40 -13.71
N VAL A 103 13.60 7.69 -13.41
CA VAL A 103 13.08 6.63 -14.29
C VAL A 103 11.66 6.86 -14.78
N SER A 104 11.42 6.56 -16.07
CA SER A 104 10.07 6.45 -16.62
C SER A 104 9.96 5.22 -17.54
N ASP A 105 8.74 4.81 -17.87
CA ASP A 105 8.50 3.64 -18.74
C ASP A 105 8.95 2.32 -18.10
N VAL A 106 8.90 2.29 -16.77
CA VAL A 106 9.21 1.10 -16.01
C VAL A 106 7.93 0.65 -15.32
N GLU A 107 7.60 -0.63 -15.47
CA GLU A 107 6.36 -1.17 -14.90
C GLU A 107 6.54 -1.68 -13.48
N ARG A 108 7.29 -2.77 -13.32
CA ARG A 108 7.49 -3.32 -11.98
C ARG A 108 8.91 -3.08 -11.49
N VAL A 109 9.06 -3.05 -10.18
CA VAL A 109 10.38 -2.83 -9.57
C VAL A 109 10.63 -3.97 -8.60
N PHE A 110 11.76 -4.67 -8.81
CA PHE A 110 12.17 -5.77 -7.96
C PHE A 110 13.49 -5.55 -7.24
N ILE A 111 13.52 -5.87 -5.95
CA ILE A 111 14.77 -5.93 -5.18
C ILE A 111 15.31 -7.35 -5.27
N ILE A 112 16.51 -7.49 -5.84
CA ILE A 112 17.06 -8.80 -6.17
C ILE A 112 18.30 -9.17 -5.34
N GLY A 113 18.64 -8.36 -4.35
CA GLY A 113 19.73 -8.73 -3.41
C GLY A 113 20.66 -7.58 -3.07
N GLY A 114 21.59 -7.80 -2.12
CA GLY A 114 21.72 -9.04 -1.34
C GLY A 114 21.13 -8.92 0.05
N ALA A 115 21.70 -9.65 1.01
CA ALA A 115 21.18 -9.69 2.38
C ALA A 115 20.98 -8.31 3.01
N GLU A 116 22.05 -7.50 2.99
CA GLU A 116 22.03 -6.19 3.62
C GLU A 116 20.93 -5.31 3.04
N ILE A 117 20.81 -5.32 1.71
CA ILE A 117 19.74 -4.60 1.02
C ILE A 117 18.34 -5.14 1.41
N TYR A 118 18.18 -6.46 1.40
CA TYR A 118 16.92 -7.10 1.79
C TYR A 118 16.51 -6.69 3.20
N ASN A 119 17.45 -6.80 4.14
CA ASN A 119 17.18 -6.58 5.55
C ASN A 119 16.89 -5.15 5.94
N GLU A 120 17.32 -4.20 5.09
CA GLU A 120 16.92 -2.79 5.21
C GLU A 120 15.53 -2.59 4.65
N LEU A 121 15.35 -3.04 3.40
CA LEU A 121 14.18 -2.67 2.60
C LEU A 121 12.89 -3.34 2.97
N ILE A 122 12.98 -4.50 3.65
CA ILE A 122 11.78 -5.14 4.20
C ILE A 122 10.94 -4.19 5.08
N ASN A 123 11.61 -3.20 5.66
CA ASN A 123 10.98 -2.20 6.52
C ASN A 123 10.78 -0.84 5.82
N ASN A 124 10.90 -0.85 4.50
CA ASN A 124 10.58 0.33 3.72
C ASN A 124 9.18 0.16 3.18
N SER A 125 8.30 1.13 3.42
CA SER A 125 6.88 0.99 3.07
C SER A 125 6.58 1.01 1.58
N LEU A 126 7.58 1.31 0.76
CA LEU A 126 7.42 1.16 -0.70
C LEU A 126 7.34 -0.31 -1.12
N VAL A 127 7.97 -1.19 -0.35
CA VAL A 127 7.87 -2.63 -0.55
C VAL A 127 6.47 -3.13 -0.16
N SER A 128 5.73 -3.60 -1.16
CA SER A 128 4.36 -4.06 -0.98
C SER A 128 4.26 -5.57 -1.11
N HIS A 129 5.25 -6.20 -1.74
CA HIS A 129 5.22 -7.62 -2.09
C HIS A 129 6.52 -8.36 -1.76
N LEU A 130 6.38 -9.62 -1.36
CA LEU A 130 7.52 -10.51 -1.21
C LEU A 130 7.29 -11.74 -2.07
N LEU A 131 8.18 -11.93 -3.04
CA LEU A 131 8.18 -13.13 -3.82
C LEU A 131 9.29 -14.01 -3.25
N ILE A 132 8.92 -14.88 -2.31
CA ILE A 132 9.87 -15.74 -1.62
C ILE A 132 9.75 -17.18 -2.14
N THR A 133 10.85 -17.71 -2.66
CA THR A 133 10.93 -19.14 -2.99
C THR A 133 11.35 -19.88 -1.72
N GLU A 134 10.41 -20.59 -1.12
CA GLU A 134 10.70 -21.31 0.11
C GLU A 134 11.36 -22.63 -0.23
N ILE A 135 12.62 -22.76 0.17
CA ILE A 135 13.38 -23.98 -0.08
C ILE A 135 13.40 -24.83 1.19
N GLU A 136 13.29 -26.15 1.01
CA GLU A 136 13.36 -27.13 2.10
C GLU A 136 14.42 -28.18 1.80
N HIS A 137 14.99 -28.75 2.85
CA HIS A 137 16.05 -29.77 2.73
C HIS A 137 15.90 -30.71 3.95
N PRO A 138 16.17 -32.02 3.78
CA PRO A 138 16.10 -32.94 4.93
C PRO A 138 16.96 -32.50 6.12
N SER A 139 18.19 -32.07 5.86
CA SER A 139 19.09 -31.62 6.92
C SER A 139 19.60 -30.21 6.63
N PRO A 140 18.77 -29.19 6.87
CA PRO A 140 19.13 -27.82 6.54
C PRO A 140 20.34 -27.32 7.34
N GLU A 141 20.48 -27.81 8.57
CA GLU A 141 21.61 -27.43 9.41
C GLU A 141 22.94 -27.92 8.85
N SER A 142 22.88 -28.81 7.88
CA SER A 142 24.10 -29.32 7.22
C SER A 142 24.55 -28.48 6.01
N ILE A 143 23.72 -27.51 5.62
CA ILE A 143 24.11 -26.62 4.53
C ILE A 143 24.93 -25.48 5.13
N GLU A 144 26.09 -25.24 4.54
CA GLU A 144 26.92 -24.11 4.94
C GLU A 144 26.16 -22.83 4.65
N MET A 145 26.03 -22.01 5.70
CA MET A 145 25.21 -20.80 5.66
C MET A 145 25.70 -19.83 6.71
N ASP A 146 25.88 -18.57 6.31
CA ASP A 146 26.29 -17.53 7.24
C ASP A 146 25.53 -16.21 7.05
N THR A 147 24.60 -16.21 6.09
CA THR A 147 23.84 -15.03 5.68
C THR A 147 22.35 -15.35 5.69
N PHE A 148 21.57 -14.51 6.37
CA PHE A 148 20.17 -14.81 6.62
C PHE A 148 19.26 -13.61 6.38
N LEU A 149 18.03 -13.91 5.96
CA LEU A 149 17.00 -12.90 5.97
C LEU A 149 16.60 -12.63 7.41
N LYS A 150 16.36 -11.36 7.72
CA LYS A 150 15.76 -10.93 8.97
C LYS A 150 14.42 -10.27 8.62
N PHE A 151 13.45 -11.11 8.30
CA PHE A 151 12.13 -10.66 7.84
C PHE A 151 11.09 -10.86 8.94
N PRO A 152 10.41 -9.78 9.36
CA PRO A 152 9.31 -9.90 10.34
C PRO A 152 8.02 -10.40 9.68
N LEU A 153 8.00 -11.67 9.29
CA LEU A 153 6.88 -12.22 8.52
C LEU A 153 5.51 -12.21 9.25
N GLU A 154 5.51 -11.88 10.55
CA GLU A 154 4.24 -11.76 11.32
C GLU A 154 3.49 -10.49 10.95
N SER A 155 4.17 -9.56 10.29
CA SER A 155 3.54 -8.35 9.75
C SER A 155 3.16 -8.50 8.29
N TRP A 156 3.29 -9.74 7.80
CA TRP A 156 2.99 -10.09 6.41
C TRP A 156 2.02 -11.28 6.33
N THR A 157 1.36 -11.40 5.17
CA THR A 157 0.36 -12.44 4.93
C THR A 157 0.73 -13.20 3.67
N LYS A 158 0.98 -14.50 3.79
CA LYS A 158 1.23 -15.34 2.63
C LYS A 158 -0.08 -15.52 1.87
N GLN A 159 -0.06 -15.15 0.60
CA GLN A 159 -1.26 -15.18 -0.24
C GLN A 159 -1.50 -16.58 -0.80
N PRO A 160 -2.75 -16.88 -1.22
CA PRO A 160 -2.96 -18.18 -1.86
C PRO A 160 -2.31 -18.21 -3.24
N LYS A 161 -2.17 -19.40 -3.83
CA LYS A 161 -1.53 -19.55 -5.12
C LYS A 161 -2.17 -18.71 -6.24
N SER A 162 -3.48 -18.51 -6.16
CA SER A 162 -4.24 -17.77 -7.17
C SER A 162 -3.76 -16.32 -7.29
N GLU A 163 -3.32 -15.75 -6.17
CA GLU A 163 -2.78 -14.38 -6.15
C GLU A 163 -1.40 -14.32 -6.80
N LEU A 164 -0.59 -15.34 -6.53
CA LEU A 164 0.72 -15.45 -7.15
C LEU A 164 0.59 -15.70 -8.63
N GLN A 165 -0.30 -16.63 -8.99
CA GLN A 165 -0.62 -16.87 -10.40
C GLN A 165 -1.05 -15.60 -11.12
N LYS A 166 -1.92 -14.80 -10.51
CA LYS A 166 -2.31 -13.51 -11.09
C LYS A 166 -1.12 -12.58 -11.30
N PHE A 167 -0.26 -12.50 -10.30
CA PHE A 167 0.95 -11.67 -10.36
C PHE A 167 1.90 -12.05 -11.50
N VAL A 168 2.07 -13.36 -11.72
CA VAL A 168 3.05 -13.84 -12.70
C VAL A 168 2.49 -14.12 -14.11
N GLY A 169 1.20 -13.87 -14.30
CA GLY A 169 0.55 -14.05 -15.60
C GLY A 169 0.47 -15.52 -15.99
N ASP A 170 1.05 -15.85 -17.15
CA ASP A 170 0.97 -17.21 -17.67
C ASP A 170 2.21 -18.06 -17.33
N THR A 171 3.10 -17.51 -16.50
CA THR A 171 4.24 -18.26 -16.00
C THR A 171 3.77 -19.53 -15.27
N VAL A 172 4.37 -20.66 -15.62
CA VAL A 172 3.98 -21.95 -15.04
C VAL A 172 4.55 -22.11 -13.62
N LEU A 173 3.65 -22.41 -12.68
CA LEU A 173 4.04 -22.58 -11.29
C LEU A 173 3.90 -24.03 -10.89
N GLU A 174 5.03 -24.74 -10.86
CA GLU A 174 5.08 -26.13 -10.44
C GLU A 174 5.27 -26.22 -8.94
N ASP A 175 4.56 -27.16 -8.32
CA ASP A 175 4.59 -27.31 -6.88
C ASP A 175 5.68 -28.29 -6.49
N ASP A 176 6.25 -28.09 -5.30
CA ASP A 176 7.24 -29.01 -4.75
C ASP A 176 8.33 -29.38 -5.75
N ILE A 177 8.92 -28.36 -6.36
CA ILE A 177 9.99 -28.58 -7.34
C ILE A 177 11.21 -29.18 -6.63
N LYS A 178 11.75 -30.24 -7.20
CA LYS A 178 12.86 -30.96 -6.59
C LYS A 178 14.13 -30.95 -7.45
N GLU A 179 15.23 -30.45 -6.88
CA GLU A 179 16.55 -30.51 -7.49
C GLU A 179 17.56 -30.95 -6.44
N GLY A 180 18.31 -32.01 -6.73
CA GLY A 180 19.18 -32.65 -5.73
C GLY A 180 18.33 -33.02 -4.52
N ASP A 181 18.78 -32.63 -3.33
CA ASP A 181 18.02 -32.88 -2.10
C ASP A 181 17.11 -31.72 -1.69
N PHE A 182 17.07 -30.67 -2.52
CA PHE A 182 16.20 -29.51 -2.27
C PHE A 182 14.81 -29.66 -2.89
N THR A 183 13.80 -29.28 -2.12
CA THR A 183 12.43 -29.13 -2.61
C THR A 183 12.02 -27.68 -2.40
N TYR A 184 11.31 -27.09 -3.37
CA TYR A 184 10.88 -25.70 -3.23
C TYR A 184 9.54 -25.32 -3.83
N ASN A 185 9.01 -24.20 -3.33
CA ASN A 185 7.75 -23.63 -3.75
C ASN A 185 7.83 -22.09 -3.84
N TYR A 186 7.19 -21.54 -4.87
CA TYR A 186 7.10 -20.09 -5.06
C TYR A 186 5.98 -19.56 -4.19
N THR A 187 6.23 -18.48 -3.46
CA THR A 187 5.20 -17.86 -2.62
C THR A 187 5.09 -16.37 -2.87
N LEU A 188 3.96 -15.80 -2.45
CA LEU A 188 3.72 -14.37 -2.54
C LEU A 188 3.16 -13.91 -1.21
N TRP A 189 3.75 -12.85 -0.66
CA TRP A 189 3.32 -12.26 0.60
C TRP A 189 3.01 -10.78 0.40
N THR A 190 2.03 -10.28 1.16
CA THR A 190 1.66 -8.86 1.18
C THR A 190 1.59 -8.37 2.62
N ARG A 191 1.62 -7.04 2.80
CA ARG A 191 1.66 -6.47 4.14
C ARG A 191 0.37 -6.75 4.89
N LYS A 192 0.49 -7.14 6.16
CA LYS A 192 -0.67 -7.58 6.93
C LYS A 192 -1.60 -6.41 7.18
N MET B 1 8.94 0.13 11.81
CA MET B 1 8.56 0.90 10.58
C MET B 1 7.50 1.97 10.88
N LEU B 2 7.81 3.22 10.53
CA LEU B 2 6.91 4.35 10.75
C LEU B 2 5.62 4.27 9.92
N LYS B 3 4.48 4.38 10.60
CA LYS B 3 3.18 4.25 9.95
C LYS B 3 2.38 5.53 10.04
N PRO B 4 1.54 5.82 9.03
CA PRO B 4 0.61 6.96 9.16
C PRO B 4 -0.53 6.66 10.13
N ASN B 5 -1.17 7.71 10.63
CA ASN B 5 -2.40 7.57 11.41
C ASN B 5 -3.64 7.85 10.55
N VAL B 6 -4.34 6.77 10.22
CA VAL B 6 -5.38 6.76 9.18
C VAL B 6 -6.76 6.45 9.80
N ALA B 7 -7.77 7.20 9.39
CA ALA B 7 -9.15 6.99 9.85
C ALA B 7 -10.06 7.07 8.64
N ILE B 8 -11.08 6.21 8.60
CA ILE B 8 -12.19 6.36 7.68
C ILE B 8 -13.17 7.36 8.30
N ILE B 9 -13.64 8.29 7.47
CA ILE B 9 -14.70 9.19 7.92
C ILE B 9 -15.85 9.13 6.93
N VAL B 10 -17.06 8.94 7.46
CA VAL B 10 -18.22 8.64 6.66
C VAL B 10 -19.51 9.03 7.42
N ALA B 11 -20.54 9.43 6.68
CA ALA B 11 -21.89 9.62 7.23
C ALA B 11 -22.84 8.58 6.61
N ALA B 12 -23.59 7.88 7.45
CA ALA B 12 -24.35 6.71 6.98
C ALA B 12 -25.72 6.57 7.65
N LEU B 13 -26.71 6.22 6.83
CA LEU B 13 -28.10 6.10 7.29
C LEU B 13 -28.42 4.69 7.80
N LYS B 14 -28.82 4.61 9.07
CA LYS B 14 -29.17 3.33 9.68
C LYS B 14 -30.58 2.91 9.23
N PRO B 15 -30.85 1.59 9.19
CA PRO B 15 -29.96 0.48 9.54
C PRO B 15 -29.09 -0.07 8.40
N ALA B 16 -29.44 0.23 7.15
CA ALA B 16 -28.75 -0.33 5.99
C ALA B 16 -27.38 0.29 5.71
N LEU B 17 -27.09 1.42 6.35
CA LEU B 17 -25.82 2.14 6.16
C LEU B 17 -25.64 2.61 4.71
N GLY B 18 -26.70 3.23 4.20
CA GLY B 18 -26.70 3.84 2.89
C GLY B 18 -25.87 5.10 2.94
N ILE B 19 -25.14 5.39 1.86
CA ILE B 19 -24.20 6.49 1.85
C ILE B 19 -24.27 7.38 0.60
N GLY B 20 -24.97 6.93 -0.44
CA GLY B 20 -25.00 7.71 -1.68
C GLY B 20 -26.13 7.40 -2.65
N TYR B 21 -26.41 8.39 -3.50
CA TYR B 21 -27.35 8.23 -4.62
C TYR B 21 -26.84 8.87 -5.91
N LYS B 22 -26.55 8.01 -6.88
CA LYS B 22 -26.00 8.42 -8.19
C LYS B 22 -24.91 9.48 -8.06
N GLY B 23 -23.80 9.09 -7.43
CA GLY B 23 -22.62 9.94 -7.31
C GLY B 23 -22.72 11.11 -6.33
N LYS B 24 -23.92 11.34 -5.79
CA LYS B 24 -24.14 12.43 -4.85
C LYS B 24 -24.73 11.86 -3.55
N MET B 25 -24.53 12.59 -2.46
CA MET B 25 -25.00 12.19 -1.15
CA MET B 25 -25.01 12.16 -1.16
C MET B 25 -26.53 12.36 -1.06
N PRO B 26 -27.22 11.48 -0.29
CA PRO B 26 -28.68 11.58 -0.19
C PRO B 26 -29.19 12.67 0.74
N TRP B 27 -28.30 13.47 1.32
CA TRP B 27 -28.66 14.49 2.31
C TRP B 27 -27.64 15.61 2.26
N ARG B 28 -28.06 16.80 2.69
CA ARG B 28 -27.18 17.94 2.91
C ARG B 28 -27.42 18.37 4.35
N LEU B 29 -26.50 18.03 5.25
CA LEU B 29 -26.63 18.32 6.69
C LEU B 29 -25.58 19.33 7.15
N ARG B 30 -26.05 20.51 7.56
CA ARG B 30 -25.21 21.67 7.83
C ARG B 30 -24.13 21.44 8.90
N LYS B 31 -24.53 20.96 10.07
CA LYS B 31 -23.58 20.73 11.16
C LYS B 31 -22.63 19.59 10.82
N GLU B 32 -23.16 18.53 10.21
CA GLU B 32 -22.37 17.38 9.81
C GLU B 32 -21.23 17.80 8.88
N ILE B 33 -21.56 18.53 7.83
CA ILE B 33 -20.57 19.07 6.89
C ILE B 33 -19.51 19.87 7.65
N ARG B 34 -19.93 20.71 8.59
CA ARG B 34 -19.01 21.50 9.37
C ARG B 34 -18.12 20.60 10.27
N TYR B 35 -18.70 19.51 10.78
CA TYR B 35 -17.98 18.53 11.59
C TYR B 35 -16.91 17.86 10.72
N PHE B 36 -17.28 17.44 9.51
CA PHE B 36 -16.33 16.88 8.55
C PHE B 36 -15.15 17.83 8.26
N LYS B 37 -15.47 19.10 8.04
CA LYS B 37 -14.46 20.13 7.74
C LYS B 37 -13.53 20.31 8.92
N ASP B 38 -14.09 20.42 10.12
CA ASP B 38 -13.28 20.68 11.30
C ASP B 38 -12.44 19.49 11.67
N VAL B 39 -13.00 18.28 11.56
CA VAL B 39 -12.27 17.08 11.97
C VAL B 39 -11.14 16.77 11.00
N THR B 40 -11.41 16.84 9.71
CA THR B 40 -10.38 16.56 8.71
C THR B 40 -9.34 17.68 8.58
N THR B 41 -9.70 18.90 8.96
CA THR B 41 -8.75 20.03 8.89
C THR B 41 -7.87 20.20 10.13
N ARG B 42 -8.45 20.06 11.32
CA ARG B 42 -7.75 20.45 12.53
C ARG B 42 -6.55 19.56 12.81
N THR B 43 -5.51 20.19 13.37
CA THR B 43 -4.27 19.54 13.79
C THR B 43 -3.88 20.03 15.17
N THR B 44 -2.94 19.35 15.81
CA THR B 44 -2.41 19.71 17.13
C THR B 44 -1.69 21.08 17.19
N LYS B 45 -1.03 21.45 16.10
CA LYS B 45 -0.19 22.65 16.04
C LYS B 45 -0.50 23.41 14.77
N PRO B 46 -0.37 24.75 14.79
CA PRO B 46 -0.59 25.54 13.56
C PRO B 46 0.49 25.27 12.51
N ASN B 47 0.19 25.56 11.25
CA ASN B 47 1.10 25.32 10.12
C ASN B 47 1.51 23.83 9.98
N THR B 48 0.59 22.96 10.38
CA THR B 48 0.61 21.54 9.99
C THR B 48 -0.75 21.23 9.36
N ARG B 49 -0.86 20.10 8.68
CA ARG B 49 -2.09 19.72 8.01
C ARG B 49 -2.25 18.20 7.94
N ASN B 50 -3.46 17.79 7.61
CA ASN B 50 -3.80 16.42 7.34
C ASN B 50 -3.94 16.19 5.84
N ALA B 51 -3.96 14.90 5.46
CA ALA B 51 -4.31 14.51 4.11
C ALA B 51 -5.72 13.95 4.09
N VAL B 52 -6.36 14.10 2.95
CA VAL B 52 -7.61 13.42 2.65
C VAL B 52 -7.40 12.59 1.39
N ILE B 53 -7.85 11.33 1.46
CA ILE B 53 -7.78 10.42 0.32
C ILE B 53 -9.18 10.07 -0.16
N MET B 54 -9.40 10.15 -1.47
CA MET B 54 -10.71 9.87 -2.06
CA MET B 54 -10.71 9.88 -2.06
C MET B 54 -10.60 9.24 -3.45
N GLY B 55 -11.64 8.49 -3.83
CA GLY B 55 -11.74 7.94 -5.19
C GLY B 55 -11.98 9.04 -6.20
N ARG B 56 -11.67 8.77 -7.46
CA ARG B 56 -11.91 9.76 -8.55
C ARG B 56 -13.37 10.26 -8.61
N LYS B 57 -14.32 9.35 -8.49
CA LYS B 57 -15.74 9.74 -8.59
C LYS B 57 -16.15 10.75 -7.51
N THR B 58 -15.60 10.59 -6.31
CA THR B 58 -15.92 11.48 -5.21
C THR B 58 -15.28 12.84 -5.41
N TRP B 59 -14.02 12.85 -5.85
CA TRP B 59 -13.36 14.09 -6.24
C TRP B 59 -14.23 14.83 -7.25
N GLU B 60 -14.69 14.11 -8.27
CA GLU B 60 -15.43 14.71 -9.36
C GLU B 60 -16.80 15.23 -8.91
N SER B 61 -17.34 14.67 -7.83
CA SER B 61 -18.62 15.11 -7.28
C SER B 61 -18.55 16.52 -6.65
N ILE B 62 -17.34 16.95 -6.28
CA ILE B 62 -17.14 18.29 -5.74
C ILE B 62 -17.20 19.30 -6.91
N PRO B 63 -18.09 20.32 -6.81
CA PRO B 63 -18.08 21.39 -7.80
C PRO B 63 -16.66 21.93 -7.93
N GLN B 64 -16.22 22.15 -9.17
CA GLN B 64 -14.80 22.39 -9.46
C GLN B 64 -14.22 23.61 -8.72
N LYS B 65 -15.05 24.61 -8.47
CA LYS B 65 -14.65 25.79 -7.69
C LYS B 65 -14.41 25.48 -6.21
N PHE B 66 -14.97 24.38 -5.72
CA PHE B 66 -14.86 24.01 -4.30
C PHE B 66 -13.81 22.94 -4.02
N ARG B 67 -13.00 22.62 -5.02
CA ARG B 67 -11.89 21.69 -4.86
C ARG B 67 -10.60 22.39 -5.29
N PRO B 68 -9.46 22.05 -4.66
CA PRO B 68 -9.30 20.98 -3.66
C PRO B 68 -9.94 21.41 -2.35
N LEU B 69 -10.38 20.46 -1.52
CA LEU B 69 -10.87 20.83 -0.19
C LEU B 69 -9.76 21.59 0.54
N PRO B 70 -10.06 22.82 1.01
CA PRO B 70 -8.98 23.70 1.51
C PRO B 70 -8.35 23.25 2.81
N ASP B 71 -7.06 23.59 2.97
CA ASP B 71 -6.31 23.40 4.22
C ASP B 71 -5.89 21.94 4.48
N ARG B 72 -6.21 21.04 3.55
CA ARG B 72 -5.77 19.65 3.60
C ARG B 72 -5.09 19.22 2.29
N LEU B 73 -4.19 18.25 2.37
CA LEU B 73 -3.60 17.65 1.19
C LEU B 73 -4.62 16.70 0.57
N ASN B 74 -5.05 16.98 -0.66
CA ASN B 74 -6.04 16.13 -1.36
C ASN B 74 -5.34 15.10 -2.25
N ILE B 75 -5.56 13.82 -1.97
CA ILE B 75 -5.03 12.74 -2.81
C ILE B 75 -6.19 12.01 -3.51
N ILE B 76 -6.06 11.87 -4.83
CA ILE B 76 -7.13 11.29 -5.66
C ILE B 76 -6.66 10.00 -6.34
N LEU B 77 -7.46 8.95 -6.18
CA LEU B 77 -7.13 7.63 -6.69
C LEU B 77 -7.83 7.38 -8.02
N SER B 78 -7.06 6.91 -9.00
CA SER B 78 -7.61 6.41 -10.25
C SER B 78 -6.68 5.31 -10.77
N ARG B 79 -7.25 4.28 -11.38
CA ARG B 79 -6.44 3.23 -11.97
C ARG B 79 -5.80 3.70 -13.28
N SER B 80 -6.23 4.86 -13.77
CA SER B 80 -5.69 5.48 -14.99
C SER B 80 -4.72 6.63 -14.70
N TYR B 81 -4.38 6.84 -13.42
CA TYR B 81 -3.38 7.85 -13.08
C TYR B 81 -2.00 7.23 -12.97
N GLU B 82 -0.98 8.06 -13.13
CA GLU B 82 0.34 7.76 -12.58
C GLU B 82 0.49 8.61 -11.34
N ASN B 83 1.30 8.15 -10.39
CA ASN B 83 1.63 8.95 -9.21
C ASN B 83 2.25 10.28 -9.60
N GLU B 84 1.60 11.37 -9.19
CA GLU B 84 1.96 12.72 -9.62
C GLU B 84 1.58 13.73 -8.55
N ILE B 85 2.53 14.61 -8.21
CA ILE B 85 2.22 15.79 -7.43
C ILE B 85 1.76 16.87 -8.42
N ILE B 86 0.49 17.25 -8.36
CA ILE B 86 -0.01 18.28 -9.26
C ILE B 86 0.37 19.65 -8.73
N ASP B 87 0.08 19.89 -7.46
CA ASP B 87 0.56 21.07 -6.77
C ASP B 87 0.67 20.76 -5.28
N ASP B 88 0.81 21.79 -4.46
CA ASP B 88 1.03 21.57 -3.02
C ASP B 88 -0.19 20.97 -2.31
N ASN B 89 -1.35 21.04 -2.96
CA ASN B 89 -2.64 20.64 -2.39
C ASN B 89 -3.28 19.43 -3.07
N ILE B 90 -2.74 19.04 -4.23
CA ILE B 90 -3.33 17.98 -5.05
C ILE B 90 -2.33 16.96 -5.54
N ILE B 91 -2.60 15.70 -5.20
CA ILE B 91 -1.79 14.59 -5.65
C ILE B 91 -2.69 13.56 -6.32
N HIS B 92 -2.16 12.97 -7.41
CA HIS B 92 -2.76 11.83 -8.07
C HIS B 92 -2.03 10.58 -7.63
N ALA B 93 -2.81 9.54 -7.30
CA ALA B 93 -2.24 8.26 -6.88
C ALA B 93 -2.79 7.15 -7.77
N SER B 94 -1.94 6.16 -8.08
CA SER B 94 -2.33 5.06 -8.98
C SER B 94 -2.78 3.80 -8.24
N SER B 95 -2.59 3.79 -6.94
CA SER B 95 -2.95 2.64 -6.11
C SER B 95 -3.14 3.04 -4.68
N ILE B 96 -3.85 2.20 -3.92
CA ILE B 96 -4.05 2.45 -2.50
CA ILE B 96 -4.05 2.40 -2.48
C ILE B 96 -2.71 2.51 -1.78
N GLU B 97 -1.82 1.56 -2.06
CA GLU B 97 -0.49 1.51 -1.46
C GLU B 97 0.26 2.82 -1.73
N SER B 98 0.18 3.32 -2.95
CA SER B 98 0.84 4.59 -3.30
C SER B 98 0.24 5.75 -2.52
N SER B 99 -1.10 5.80 -2.45
CA SER B 99 -1.76 6.91 -1.74
C SER B 99 -1.25 6.94 -0.30
N LEU B 100 -1.06 5.77 0.29
CA LEU B 100 -0.64 5.69 1.68
C LEU B 100 0.87 5.92 1.85
N ASN B 101 1.56 6.11 0.72
CA ASN B 101 2.98 6.49 0.71
C ASN B 101 3.19 7.92 0.24
N LEU B 102 2.09 8.65 0.07
CA LEU B 102 2.11 10.04 -0.35
C LEU B 102 1.70 10.97 0.80
N VAL B 103 1.89 10.49 2.02
CA VAL B 103 1.41 11.19 3.22
C VAL B 103 2.53 11.49 4.25
N SER B 104 3.79 11.44 3.82
CA SER B 104 4.92 11.71 4.73
C SER B 104 4.93 13.12 5.34
N ASP B 105 4.23 14.07 4.71
CA ASP B 105 4.24 15.48 5.16
C ASP B 105 3.01 15.90 6.00
N VAL B 106 2.18 14.94 6.40
CA VAL B 106 0.93 15.25 7.12
C VAL B 106 0.85 14.59 8.49
N GLU B 107 -0.08 15.07 9.32
CA GLU B 107 -0.27 14.59 10.68
C GLU B 107 -1.21 13.38 10.66
N ARG B 108 -2.45 13.59 10.21
CA ARG B 108 -3.41 12.50 10.07
C ARG B 108 -3.81 12.31 8.62
N VAL B 109 -4.33 11.13 8.34
CA VAL B 109 -4.80 10.75 7.01
C VAL B 109 -6.26 10.33 7.14
N PHE B 110 -7.14 10.99 6.38
CA PHE B 110 -8.57 10.66 6.39
C PHE B 110 -9.00 10.08 5.06
N ILE B 111 -9.65 8.92 5.12
CA ILE B 111 -10.25 8.30 3.94
C ILE B 111 -11.68 8.81 3.83
N ILE B 112 -11.97 9.56 2.77
CA ILE B 112 -13.20 10.35 2.76
C ILE B 112 -14.24 9.89 1.73
N GLY B 113 -14.04 8.69 1.19
CA GLY B 113 -14.98 8.09 0.23
C GLY B 113 -14.41 7.93 -1.17
N GLY B 114 -15.17 7.35 -2.10
CA GLY B 114 -16.52 6.83 -1.85
C GLY B 114 -16.59 5.35 -1.48
N ALA B 115 -17.65 4.69 -1.92
CA ALA B 115 -17.99 3.32 -1.49
C ALA B 115 -16.93 2.32 -1.88
N GLU B 116 -16.47 2.38 -3.13
CA GLU B 116 -15.41 1.48 -3.53
C GLU B 116 -14.18 1.66 -2.64
N ILE B 117 -13.80 2.92 -2.40
CA ILE B 117 -12.61 3.22 -1.60
C ILE B 117 -12.77 2.75 -0.15
N TYR B 118 -13.93 3.05 0.44
CA TYR B 118 -14.28 2.57 1.78
C TYR B 118 -14.17 1.06 1.86
N ASN B 119 -14.75 0.38 0.88
CA ASN B 119 -14.80 -1.08 0.90
C ASN B 119 -13.42 -1.72 0.70
N GLU B 120 -12.53 -1.01 -0.01
CA GLU B 120 -11.15 -1.45 -0.14
C GLU B 120 -10.30 -1.13 1.10
N LEU B 121 -10.63 -0.07 1.84
CA LEU B 121 -9.78 0.36 2.97
CA LEU B 121 -9.77 0.33 2.95
C LEU B 121 -10.15 -0.22 4.34
N ILE B 122 -11.40 -0.68 4.48
CA ILE B 122 -11.90 -1.21 5.75
C ILE B 122 -10.98 -2.29 6.35
N ASN B 123 -10.43 -3.14 5.49
CA ASN B 123 -9.59 -4.26 5.92
C ASN B 123 -8.09 -3.94 5.93
N ASN B 124 -7.73 -2.72 5.53
CA ASN B 124 -6.35 -2.27 5.59
C ASN B 124 -5.95 -1.99 7.04
N SER B 125 -4.87 -2.61 7.51
CA SER B 125 -4.48 -2.51 8.92
C SER B 125 -4.04 -1.12 9.39
N LEU B 126 -3.65 -0.25 8.45
CA LEU B 126 -3.28 1.12 8.78
C LEU B 126 -4.48 1.95 9.23
N VAL B 127 -5.66 1.61 8.72
CA VAL B 127 -6.93 2.19 9.19
C VAL B 127 -7.26 1.69 10.62
N SER B 128 -7.23 2.59 11.60
CA SER B 128 -7.45 2.19 13.00
C SER B 128 -8.68 2.82 13.68
N HIS B 129 -9.40 3.65 12.92
CA HIS B 129 -10.60 4.29 13.42
C HIS B 129 -11.63 4.31 12.32
N LEU B 130 -12.87 4.05 12.69
CA LEU B 130 -13.99 4.50 11.85
C LEU B 130 -14.66 5.67 12.55
N LEU B 131 -14.74 6.78 11.84
CA LEU B 131 -15.50 7.94 12.30
C LEU B 131 -16.82 7.95 11.54
N ILE B 132 -17.85 7.35 12.14
CA ILE B 132 -19.14 7.17 11.51
C ILE B 132 -20.20 8.09 12.10
N THR B 133 -20.75 8.97 11.26
CA THR B 133 -21.89 9.77 11.66
C THR B 133 -23.12 8.90 11.42
N GLU B 134 -23.71 8.42 12.51
CA GLU B 134 -24.86 7.55 12.47
C GLU B 134 -26.13 8.38 12.34
N ILE B 135 -26.75 8.27 11.17
CA ILE B 135 -27.96 9.03 10.84
C ILE B 135 -29.20 8.14 10.98
N GLU B 136 -30.24 8.70 11.60
CA GLU B 136 -31.53 8.05 11.77
C GLU B 136 -32.62 8.90 11.11
N HIS B 137 -33.70 8.26 10.68
CA HIS B 137 -34.79 8.89 9.95
C HIS B 137 -36.07 8.10 10.28
N PRO B 138 -37.22 8.80 10.47
CA PRO B 138 -38.46 8.07 10.77
C PRO B 138 -38.87 7.09 9.65
N SER B 139 -38.51 7.40 8.42
CA SER B 139 -38.83 6.54 7.28
C SER B 139 -37.62 6.43 6.34
N PRO B 140 -36.58 5.67 6.77
CA PRO B 140 -35.31 5.63 6.03
C PRO B 140 -35.50 5.13 4.59
N GLU B 141 -36.57 4.38 4.36
CA GLU B 141 -36.90 3.85 3.04
C GLU B 141 -37.38 4.91 2.03
N SER B 142 -37.89 6.04 2.51
CA SER B 142 -38.27 7.13 1.60
C SER B 142 -37.05 7.88 1.03
N ILE B 143 -35.86 7.50 1.51
CA ILE B 143 -34.59 8.01 1.00
C ILE B 143 -34.09 7.06 -0.09
N GLU B 144 -33.90 7.60 -1.29
CA GLU B 144 -33.39 6.80 -2.42
C GLU B 144 -31.89 6.51 -2.25
N MET B 145 -31.54 5.23 -2.33
CA MET B 145 -30.20 4.74 -1.99
C MET B 145 -29.64 3.68 -2.97
N ASP B 146 -28.57 4.03 -3.69
CA ASP B 146 -27.87 3.10 -4.59
C ASP B 146 -26.42 2.80 -4.17
N THR B 147 -26.10 3.02 -2.90
CA THR B 147 -24.75 2.76 -2.40
C THR B 147 -24.72 2.55 -0.89
N PHE B 148 -24.18 1.41 -0.45
CA PHE B 148 -24.12 1.05 0.97
C PHE B 148 -22.71 0.69 1.48
N LEU B 149 -22.47 0.89 2.77
CA LEU B 149 -21.25 0.43 3.42
C LEU B 149 -21.34 -1.05 3.73
N LYS B 150 -20.30 -1.80 3.37
CA LYS B 150 -20.18 -3.19 3.74
C LYS B 150 -19.05 -3.35 4.76
N PHE B 151 -19.26 -2.79 5.94
CA PHE B 151 -18.31 -2.92 7.03
C PHE B 151 -18.72 -4.06 7.96
N PRO B 152 -17.74 -4.88 8.40
CA PRO B 152 -18.00 -5.92 9.38
C PRO B 152 -17.93 -5.32 10.78
N LEU B 153 -18.98 -4.59 11.16
CA LEU B 153 -19.00 -3.87 12.44
CA LEU B 153 -19.01 -3.86 12.43
C LEU B 153 -18.87 -4.76 13.68
N GLU B 154 -19.12 -6.07 13.49
CA GLU B 154 -18.92 -7.06 14.57
C GLU B 154 -17.43 -7.25 14.91
N SER B 155 -16.55 -6.82 14.00
CA SER B 155 -15.10 -6.84 14.20
C SER B 155 -14.53 -5.49 14.67
N TRP B 156 -15.42 -4.54 14.93
CA TRP B 156 -15.09 -3.21 15.46
C TRP B 156 -15.87 -2.92 16.75
N THR B 157 -15.33 -2.03 17.58
CA THR B 157 -16.01 -1.61 18.80
C THR B 157 -16.33 -0.11 18.80
N LYS B 158 -17.60 0.20 19.02
CA LYS B 158 -18.03 1.60 19.19
C LYS B 158 -17.61 2.10 20.54
N GLN B 159 -16.80 3.15 20.55
CA GLN B 159 -16.19 3.65 21.77
C GLN B 159 -17.09 4.69 22.46
N PRO B 160 -16.90 4.95 23.77
CA PRO B 160 -17.65 5.99 24.48
C PRO B 160 -17.42 7.34 23.83
N LYS B 161 -18.35 8.27 24.03
CA LYS B 161 -18.22 9.63 23.52
C LYS B 161 -16.90 10.28 23.93
N SER B 162 -16.47 10.00 25.15
CA SER B 162 -15.24 10.60 25.67
C SER B 162 -14.00 10.23 24.83
N GLU B 163 -14.00 9.05 24.21
CA GLU B 163 -12.92 8.65 23.31
C GLU B 163 -12.95 9.44 22.00
N LEU B 164 -14.17 9.69 21.48
CA LEU B 164 -14.34 10.58 20.34
C LEU B 164 -13.90 12.00 20.68
N GLN B 165 -14.32 12.51 21.84
CA GLN B 165 -13.88 13.83 22.31
C GLN B 165 -12.34 14.03 22.33
N LYS B 166 -11.59 13.02 22.78
CA LYS B 166 -10.12 13.07 22.72
C LYS B 166 -9.63 13.22 21.29
N PHE B 167 -10.13 12.37 20.40
CA PHE B 167 -9.73 12.38 19.00
C PHE B 167 -9.91 13.76 18.39
N VAL B 168 -11.12 14.31 18.55
CA VAL B 168 -11.52 15.56 17.89
C VAL B 168 -11.09 16.82 18.64
N GLY B 169 -10.49 16.67 19.81
CA GLY B 169 -9.93 17.81 20.54
C GLY B 169 -11.00 18.77 21.06
N ASP B 170 -10.92 20.03 20.68
CA ASP B 170 -11.91 21.04 21.10
C ASP B 170 -13.21 21.06 20.27
N THR B 171 -13.31 20.21 19.25
CA THR B 171 -14.52 20.13 18.43
C THR B 171 -15.76 19.82 19.28
N VAL B 172 -16.78 20.71 19.21
CA VAL B 172 -18.03 20.55 19.98
C VAL B 172 -18.85 19.38 19.40
N LEU B 173 -19.28 18.49 20.30
CA LEU B 173 -19.99 17.26 19.95
C LEU B 173 -21.39 17.26 20.57
N GLU B 174 -22.36 17.76 19.80
CA GLU B 174 -23.73 17.84 20.24
C GLU B 174 -24.42 16.51 19.95
N ASP B 175 -25.18 15.99 20.93
CA ASP B 175 -25.93 14.74 20.79
C ASP B 175 -27.19 14.96 19.96
N ASP B 176 -27.58 13.92 19.21
CA ASP B 176 -28.89 13.86 18.57
C ASP B 176 -29.28 15.15 17.82
N ILE B 177 -28.39 15.57 16.93
CA ILE B 177 -28.58 16.75 16.10
C ILE B 177 -29.72 16.49 15.12
N LYS B 178 -30.63 17.45 14.96
CA LYS B 178 -31.73 17.33 14.01
C LYS B 178 -31.58 18.32 12.87
N GLU B 179 -31.88 17.87 11.65
CA GLU B 179 -32.15 18.75 10.54
C GLU B 179 -33.15 18.03 9.67
N GLY B 180 -34.28 18.68 9.42
CA GLY B 180 -35.42 18.01 8.80
C GLY B 180 -35.81 16.75 9.56
N ASP B 181 -35.90 15.64 8.83
CA ASP B 181 -36.26 14.34 9.38
C ASP B 181 -35.04 13.52 9.84
N PHE B 182 -33.85 14.11 9.71
CA PHE B 182 -32.63 13.43 10.14
C PHE B 182 -32.27 13.79 11.57
N THR B 183 -31.88 12.78 12.33
CA THR B 183 -31.33 12.97 13.65
C THR B 183 -30.03 12.20 13.66
N TYR B 184 -28.93 12.84 14.07
CA TYR B 184 -27.65 12.16 13.97
C TYR B 184 -26.68 12.35 15.12
N ASN B 185 -25.77 11.39 15.23
CA ASN B 185 -24.75 11.37 16.25
C ASN B 185 -23.40 11.00 15.65
N TYR B 186 -22.36 11.66 16.14
CA TYR B 186 -20.98 11.36 15.75
C TYR B 186 -20.46 10.19 16.58
N THR B 187 -19.79 9.23 15.94
CA THR B 187 -19.30 8.04 16.63
C THR B 187 -17.86 7.67 16.23
N LEU B 188 -17.16 7.03 17.17
CA LEU B 188 -15.81 6.52 16.93
CA LEU B 188 -15.81 6.52 16.94
C LEU B 188 -15.74 5.01 17.18
N TRP B 189 -15.10 4.30 16.25
CA TRP B 189 -14.94 2.85 16.30
C TRP B 189 -13.49 2.41 16.15
N THR B 190 -13.05 1.50 17.02
CA THR B 190 -11.73 0.88 16.92
C THR B 190 -11.86 -0.61 16.63
N ARG B 191 -10.81 -1.24 16.08
CA ARG B 191 -10.80 -2.66 15.76
C ARG B 191 -10.81 -3.56 16.99
N LYS B 192 -11.62 -4.61 16.96
CA LYS B 192 -11.63 -5.57 18.07
C LYS B 192 -10.33 -6.37 18.07
#